data_7BNC
#
_entry.id   7BNC
#
_cell.length_a   59.647
_cell.length_b   71.410
_cell.length_c   78.681
_cell.angle_alpha   90.000
_cell.angle_beta   90.000
_cell.angle_gamma   90.000
#
_symmetry.space_group_name_H-M   'P 21 21 21'
#
loop_
_entity.id
_entity.type
_entity.pdbx_description
1 polymer 'Palmitoleoyl-protein carboxylesterase NOTUM'
2 non-polymer 'SULFATE ION'
3 non-polymer GLYCEROL
4 non-polymer 2-acetamido-2-deoxy-beta-D-glucopyranose
5 non-polymer '2-(1,2-dihydroacenaphthylen-5-ylsulfanyl)ethanoic acid'
6 water water
#
_entity_poly.entity_id   1
_entity_poly.type   'polypeptide(L)'
_entity_poly.pdbx_seq_one_letter_code
;ETGSAQQLNEDLRLHLLLNTSVTCNDGSPAGYYLKESRGSRRWLLFLEGGWYCFNRENCDSRYDTMRRLMSSRDWPRTRT
GTGILSSQPEENPYWWNANMVFIPYCSSDVWSGASSKSEKNEYAFMGALIIQEVVRELLGRGLSGAKVLLLAGSSAGGTG
VLLNVDRVAEQLEKLGYPAIQVRGLADSGWFLDNKQYRHTDCVDTITCAPTEAIRRGIRYWNGVVPERCRRQFQEGEEWN
CFFGYKVYPTLRSPVFVVQWLFDEAQLTVDNVHLTGQPVQEGLRLYIQNLGRELRHTLKDVPASFAPACLSHEIIIRSHW
TDVQVKGTSLPRALHCWDRSLHDSHKASKTPLKGCPVHLVDSCPWPHCNPSCPTGTKHHHHHH
;
_entity_poly.pdbx_strand_id   A
#
loop_
_chem_comp.id
_chem_comp.type
_chem_comp.name
_chem_comp.formula
GOL non-polymer GLYCEROL 'C3 H8 O3'
NAG D-saccharide, beta linking 2-acetamido-2-deoxy-beta-D-glucopyranose 'C8 H15 N O6'
SO4 non-polymer 'SULFATE ION' 'O4 S -2'
U5B non-polymer '2-(1,2-dihydroacenaphthylen-5-ylsulfanyl)ethanoic acid' 'C14 H12 O2 S'
#
# COMPACT_ATOMS: atom_id res chain seq x y z
N GLU A 10 19.83 9.02 8.86
CA GLU A 10 18.83 8.84 7.82
C GLU A 10 18.70 7.38 7.33
N ASP A 11 19.60 6.51 7.77
CA ASP A 11 19.69 5.15 7.24
C ASP A 11 18.92 4.17 8.12
N LEU A 12 18.20 3.26 7.46
CA LEU A 12 17.51 2.16 8.13
C LEU A 12 18.33 0.90 7.96
N ARG A 13 18.52 0.15 9.04
CA ARG A 13 19.40 -1.01 9.01
C ARG A 13 18.59 -2.27 8.76
N LEU A 14 19.14 -3.17 7.96
CA LEU A 14 18.45 -4.42 7.66
C LEU A 14 18.54 -5.38 8.85
N HIS A 15 17.41 -6.04 9.13
CA HIS A 15 17.34 -7.19 10.01
C HIS A 15 16.53 -8.25 9.28
N LEU A 16 17.14 -9.40 9.01
CA LEU A 16 16.43 -10.56 8.50
C LEU A 16 15.64 -11.22 9.62
N LEU A 17 14.53 -11.86 9.26
CA LEU A 17 13.67 -12.42 10.29
C LEU A 17 14.38 -13.56 11.02
N LEU A 18 14.37 -13.49 12.34
CA LEU A 18 14.88 -14.61 13.12
C LEU A 18 14.04 -15.86 12.91
N ASN A 19 12.74 -15.70 12.71
CA ASN A 19 11.92 -16.85 12.33
C ASN A 19 12.10 -17.08 10.84
N THR A 20 12.98 -17.99 10.49
CA THR A 20 13.40 -18.20 9.12
C THR A 20 12.45 -19.10 8.33
N SER A 21 11.37 -19.56 8.96
CA SER A 21 10.27 -20.17 8.24
C SER A 21 9.38 -19.15 7.54
N VAL A 22 9.59 -17.86 7.77
CA VAL A 22 8.85 -16.79 7.10
C VAL A 22 9.79 -16.25 6.02
N THR A 23 9.46 -16.53 4.76
CA THR A 23 10.43 -16.35 3.71
C THR A 23 9.88 -15.51 2.57
N CYS A 24 10.82 -15.00 1.79
CA CYS A 24 10.59 -14.50 0.46
C CYS A 24 10.18 -15.66 -0.48
N ASN A 25 9.84 -15.28 -1.71
CA ASN A 25 9.33 -16.25 -2.69
C ASN A 25 10.26 -17.44 -2.81
N ASP A 26 11.56 -17.20 -2.82
CA ASP A 26 12.49 -18.29 -3.12
C ASP A 26 12.98 -19.00 -1.86
N GLY A 27 12.35 -18.78 -0.72
CA GLY A 27 12.77 -19.43 0.51
C GLY A 27 13.81 -18.71 1.33
N SER A 28 14.47 -17.67 0.79
CA SER A 28 15.37 -16.85 1.61
C SER A 28 14.57 -16.09 2.68
N PRO A 29 15.16 -15.76 3.81
CA PRO A 29 14.36 -15.14 4.88
C PRO A 29 13.90 -13.74 4.49
N ALA A 30 12.69 -13.40 4.90
CA ALA A 30 12.20 -12.04 4.70
C ALA A 30 12.83 -11.16 5.78
N GLY A 31 12.42 -9.90 5.88
CA GLY A 31 13.10 -9.01 6.79
C GLY A 31 12.49 -7.62 6.81
N TYR A 32 13.22 -6.70 7.41
CA TYR A 32 12.74 -5.34 7.57
C TYR A 32 13.94 -4.41 7.81
N TYR A 33 13.79 -3.14 7.42
CA TYR A 33 14.78 -2.11 7.68
C TYR A 33 14.29 -1.23 8.82
N LEU A 34 15.14 -0.98 9.78
CA LEU A 34 14.70 -0.29 10.99
C LEU A 34 15.60 0.90 11.27
N LYS A 35 14.97 2.00 11.68
CA LYS A 35 15.68 3.12 12.32
C LYS A 35 14.90 3.51 13.56
N GLU A 36 15.46 3.28 14.75
CA GLU A 36 14.74 3.54 15.98
C GLU A 36 14.84 5.02 16.34
N SER A 37 13.82 5.51 17.02
CA SER A 37 13.82 6.88 17.52
C SER A 37 13.53 6.74 19.01
N ARG A 38 14.59 6.79 19.84
CA ARG A 38 14.44 6.47 21.26
C ARG A 38 13.31 7.29 21.88
N GLY A 39 13.26 8.58 21.56
CA GLY A 39 12.32 9.44 22.24
C GLY A 39 10.92 9.46 21.66
N SER A 40 10.53 8.42 20.87
CA SER A 40 9.25 8.44 20.19
C SER A 40 8.39 7.21 20.49
N ARG A 41 7.09 7.45 20.58
CA ARG A 41 6.09 6.44 20.83
C ARG A 41 5.33 6.06 19.56
N ARG A 42 5.74 6.59 18.41
CA ARG A 42 5.10 6.37 17.13
C ARG A 42 5.97 5.48 16.25
N TRP A 43 5.33 4.52 15.56
CA TRP A 43 6.01 3.52 14.75
C TRP A 43 5.38 3.50 13.36
N LEU A 44 6.21 3.63 12.32
CA LEU A 44 5.73 3.61 10.95
C LEU A 44 6.29 2.35 10.29
N LEU A 45 5.40 1.45 9.91
CA LEU A 45 5.77 0.23 9.16
C LEU A 45 5.26 0.42 7.74
N PHE A 46 6.18 0.59 6.80
CA PHE A 46 5.85 0.87 5.40
C PHE A 46 6.01 -0.39 4.56
N LEU A 47 4.96 -0.73 3.81
CA LEU A 47 4.97 -1.90 2.93
C LEU A 47 5.35 -1.45 1.51
N GLU A 48 6.49 -1.93 1.01
CA GLU A 48 6.88 -1.68 -0.37
C GLU A 48 5.88 -2.27 -1.36
N GLY A 49 5.82 -1.69 -2.56
CA GLY A 49 4.99 -2.20 -3.62
C GLY A 49 5.83 -2.86 -4.71
N GLY A 50 5.20 -3.08 -5.86
CA GLY A 50 5.85 -3.67 -7.03
C GLY A 50 5.11 -4.79 -7.73
N TRP A 51 3.83 -4.60 -8.02
CA TRP A 51 3.01 -5.55 -8.79
C TRP A 51 2.94 -6.89 -8.05
N TYR A 52 2.97 -8.02 -8.75
CA TYR A 52 2.66 -9.36 -8.24
C TYR A 52 2.91 -10.32 -9.39
N CYS A 53 2.91 -11.62 -9.12
CA CYS A 53 2.87 -12.59 -10.20
C CYS A 53 1.82 -13.64 -9.84
N PHE A 54 1.07 -14.15 -10.83
CA PHE A 54 -0.08 -15.02 -10.50
C PHE A 54 0.05 -16.45 -10.99
N ASN A 55 1.17 -16.87 -11.55
CA ASN A 55 1.35 -18.29 -11.89
C ASN A 55 2.83 -18.58 -12.01
N ARG A 56 3.13 -19.87 -12.16
CA ARG A 56 4.51 -20.32 -12.18
C ARG A 56 5.30 -19.64 -13.28
N GLU A 57 4.79 -19.69 -14.52
CA GLU A 57 5.58 -19.11 -15.61
C GLU A 57 5.75 -17.61 -15.43
N ASN A 58 4.72 -16.90 -14.98
CA ASN A 58 4.90 -15.47 -14.86
C ASN A 58 5.86 -15.11 -13.71
N CYS A 59 5.81 -15.89 -12.63
CA CYS A 59 6.73 -15.68 -11.52
C CYS A 59 8.16 -16.06 -11.87
N ASP A 60 8.37 -17.10 -12.69
CA ASP A 60 9.73 -17.40 -13.15
C ASP A 60 10.31 -16.20 -13.90
N SER A 61 9.48 -15.53 -14.69
CA SER A 61 9.97 -14.37 -15.42
C SER A 61 10.38 -13.25 -14.46
N ARG A 62 9.57 -13.01 -13.43
CA ARG A 62 9.92 -12.05 -12.40
C ARG A 62 11.19 -12.45 -11.65
N TYR A 63 11.41 -13.76 -11.46
CA TYR A 63 12.62 -14.21 -10.77
C TYR A 63 13.87 -13.87 -11.55
N ASP A 64 13.77 -13.89 -12.88
CA ASP A 64 14.90 -13.54 -13.74
C ASP A 64 15.30 -12.08 -13.63
N THR A 65 14.33 -11.17 -13.57
CA THR A 65 14.65 -9.78 -13.81
C THR A 65 14.09 -8.85 -12.76
N MET A 66 13.48 -9.39 -11.72
CA MET A 66 12.99 -8.60 -10.61
C MET A 66 13.27 -9.37 -9.30
N ARG A 67 14.50 -9.91 -9.20
CA ARG A 67 14.78 -10.91 -8.17
C ARG A 67 14.76 -10.32 -6.76
N ARG A 68 15.21 -9.07 -6.60
CA ARG A 68 15.10 -8.44 -5.29
C ARG A 68 13.66 -8.37 -4.78
N LEU A 69 12.66 -8.47 -5.66
CA LEU A 69 11.25 -8.54 -5.26
C LEU A 69 10.79 -9.96 -4.95
N MET A 70 11.71 -10.92 -4.96
CA MET A 70 11.42 -12.33 -4.76
C MET A 70 12.40 -12.99 -3.81
N SER A 71 13.36 -12.24 -3.28
CA SER A 71 14.47 -12.88 -2.58
C SER A 71 15.21 -11.81 -1.81
N SER A 72 15.75 -12.18 -0.65
CA SER A 72 16.59 -11.25 0.14
C SER A 72 18.06 -11.48 -0.12
N ARG A 73 18.41 -12.37 -1.05
CA ARG A 73 19.80 -12.78 -1.16
C ARG A 73 20.72 -11.60 -1.48
N ASP A 74 20.22 -10.61 -2.22
CA ASP A 74 21.02 -9.48 -2.71
C ASP A 74 20.61 -8.14 -2.07
N TRP A 75 19.86 -8.17 -0.99
CA TRP A 75 19.43 -6.92 -0.38
C TRP A 75 20.61 -6.18 0.23
N PRO A 76 20.64 -4.86 0.13
CA PRO A 76 21.68 -4.09 0.81
C PRO A 76 21.47 -4.12 2.32
N ARG A 77 22.57 -3.86 3.03
CA ARG A 77 22.55 -3.81 4.49
C ARG A 77 21.79 -2.59 4.98
N THR A 78 21.71 -1.53 4.18
CA THR A 78 21.00 -0.35 4.62
C THR A 78 20.16 0.17 3.47
N ARG A 79 19.40 1.19 3.80
CA ARG A 79 18.39 1.82 2.98
C ARG A 79 18.13 3.23 3.52
N THR A 80 18.13 4.23 2.63
CA THR A 80 17.90 5.61 3.06
C THR A 80 16.42 5.87 3.19
N GLY A 81 15.99 6.39 4.34
CA GLY A 81 14.59 6.74 4.49
C GLY A 81 14.23 8.02 3.75
N THR A 82 13.26 7.96 2.84
CA THR A 82 12.84 9.11 2.06
C THR A 82 11.35 9.39 2.25
N GLY A 83 10.97 10.65 2.06
CA GLY A 83 9.56 10.99 2.16
C GLY A 83 9.07 10.79 3.58
N ILE A 84 7.97 10.05 3.73
CA ILE A 84 7.42 9.83 5.08
C ILE A 84 8.35 8.98 5.97
N LEU A 85 9.30 8.26 5.39
CA LEU A 85 10.32 7.57 6.18
C LEU A 85 11.56 8.42 6.42
N SER A 86 11.56 9.67 6.03
CA SER A 86 12.71 10.52 6.33
C SER A 86 12.61 10.99 7.77
N SER A 87 13.77 11.11 8.42
CA SER A 87 13.93 11.66 9.76
C SER A 87 14.17 13.17 9.79
N GLN A 88 14.19 13.83 8.65
CA GLN A 88 14.46 15.26 8.60
C GLN A 88 13.16 16.04 8.54
N PRO A 89 12.90 16.93 9.50
CA PRO A 89 11.62 17.68 9.52
C PRO A 89 11.31 18.35 8.21
N GLU A 90 12.33 18.82 7.52
CA GLU A 90 12.10 19.53 6.27
C GLU A 90 11.51 18.61 5.22
N GLU A 91 11.98 17.36 5.15
CA GLU A 91 11.47 16.41 4.17
C GLU A 91 10.21 15.72 4.64
N ASN A 92 10.02 15.64 5.96
CA ASN A 92 8.92 14.88 6.53
C ASN A 92 8.36 15.71 7.69
N PRO A 93 7.58 16.74 7.38
CA PRO A 93 6.91 17.53 8.43
C PRO A 93 5.97 16.70 9.30
N TYR A 94 5.50 15.58 8.80
CA TYR A 94 4.47 14.80 9.49
C TYR A 94 5.04 14.03 10.67
N TRP A 95 5.87 13.03 10.41
CA TRP A 95 6.34 12.11 11.45
C TRP A 95 7.84 11.90 11.44
N TRP A 96 8.60 12.99 11.28
CA TRP A 96 10.06 12.91 11.23
C TRP A 96 10.68 12.27 12.46
N ASN A 97 10.00 12.26 13.59
CA ASN A 97 10.58 11.73 14.81
C ASN A 97 10.17 10.29 15.11
N ALA A 98 9.42 9.65 14.23
CA ALA A 98 8.93 8.30 14.46
C ALA A 98 10.05 7.26 14.27
N ASN A 99 9.84 6.12 14.91
CA ASN A 99 10.57 4.91 14.58
C ASN A 99 10.16 4.46 13.18
N MET A 100 11.12 4.23 12.29
CA MET A 100 10.85 4.02 10.88
C MET A 100 11.11 2.58 10.50
N VAL A 101 10.19 1.96 9.79
CA VAL A 101 10.37 0.58 9.37
C VAL A 101 9.98 0.47 7.92
N PHE A 102 10.90 -0.07 7.11
CA PHE A 102 10.64 -0.34 5.70
C PHE A 102 10.63 -1.86 5.54
N ILE A 103 9.48 -2.42 5.17
CA ILE A 103 9.36 -3.86 4.95
C ILE A 103 9.45 -4.09 3.44
N PRO A 104 10.54 -4.67 2.96
CA PRO A 104 10.63 -4.98 1.53
C PRO A 104 9.58 -5.98 1.10
N TYR A 105 9.12 -5.80 -0.11
CA TYR A 105 8.09 -6.64 -0.69
C TYR A 105 8.80 -7.76 -1.42
N CYS A 106 8.76 -8.97 -0.87
CA CYS A 106 9.46 -10.06 -1.55
C CYS A 106 8.59 -11.30 -1.65
N SER A 107 7.25 -11.12 -1.59
CA SER A 107 6.32 -12.23 -1.69
C SER A 107 5.40 -12.19 -2.92
N SER A 108 5.38 -11.08 -3.69
CA SER A 108 4.69 -11.02 -5.00
C SER A 108 3.21 -11.34 -4.92
N ASP A 109 2.59 -11.11 -3.76
CA ASP A 109 1.25 -11.61 -3.49
C ASP A 109 0.34 -10.51 -2.95
N VAL A 110 0.70 -9.26 -3.17
CA VAL A 110 -0.02 -8.08 -2.71
C VAL A 110 -0.15 -8.22 -1.18
N TRP A 111 0.85 -8.85 -0.56
CA TRP A 111 0.93 -8.95 0.90
C TRP A 111 -0.19 -9.81 1.46
N SER A 112 -0.70 -10.75 0.66
CA SER A 112 -1.88 -11.52 1.06
C SER A 112 -1.61 -12.99 1.37
N GLY A 113 -0.42 -13.50 1.10
CA GLY A 113 -0.23 -14.94 1.12
C GLY A 113 0.08 -15.49 2.50
N ALA A 114 -0.31 -16.76 2.71
CA ALA A 114 0.14 -17.52 3.88
C ALA A 114 0.49 -18.94 3.44
N SER A 115 1.46 -19.05 2.54
CA SER A 115 1.71 -20.30 1.83
C SER A 115 3.21 -20.57 1.78
N SER A 116 3.64 -21.65 2.44
CA SER A 116 5.04 -22.04 2.46
C SER A 116 5.47 -22.69 1.14
N LYS A 117 6.70 -22.42 0.72
CA LYS A 117 7.36 -23.21 -0.32
C LYS A 117 7.51 -24.66 0.17
N SER A 118 7.03 -25.61 -0.64
CA SER A 118 7.10 -27.03 -0.29
C SER A 118 7.37 -27.83 -1.55
N GLU A 119 7.19 -29.15 -1.47
CA GLU A 119 7.40 -29.96 -2.65
C GLU A 119 6.32 -29.71 -3.70
N LYS A 120 5.13 -29.23 -3.29
CA LYS A 120 4.05 -28.92 -4.22
C LYS A 120 4.03 -27.45 -4.66
N ASN A 121 4.84 -26.59 -4.05
CA ASN A 121 4.87 -25.16 -4.37
C ASN A 121 6.29 -24.76 -4.73
N GLU A 122 6.50 -24.30 -5.98
CA GLU A 122 7.84 -23.80 -6.34
C GLU A 122 8.22 -22.59 -5.52
N TYR A 123 7.24 -21.71 -5.23
CA TYR A 123 7.49 -20.45 -4.52
C TYR A 123 6.70 -20.35 -3.21
N ALA A 124 7.27 -19.67 -2.22
CA ALA A 124 6.53 -19.32 -1.01
C ALA A 124 5.86 -17.97 -1.21
N PHE A 125 4.60 -17.87 -0.80
CA PHE A 125 3.85 -16.61 -0.84
C PHE A 125 3.42 -16.33 0.59
N MET A 126 4.16 -15.48 1.29
CA MET A 126 3.96 -15.35 2.73
C MET A 126 3.77 -13.89 3.18
N GLY A 127 3.32 -13.01 2.28
CA GLY A 127 3.22 -11.59 2.62
C GLY A 127 2.45 -11.30 3.90
N ALA A 128 1.26 -11.90 4.06
CA ALA A 128 0.48 -11.71 5.29
C ALA A 128 1.28 -12.13 6.53
N LEU A 129 2.00 -13.26 6.44
CA LEU A 129 2.78 -13.76 7.58
C LEU A 129 4.03 -12.92 7.81
N ILE A 130 4.61 -12.39 6.75
CA ILE A 130 5.77 -11.50 6.86
C ILE A 130 5.40 -10.28 7.70
N ILE A 131 4.26 -9.66 7.40
CA ILE A 131 3.82 -8.51 8.20
C ILE A 131 3.67 -8.91 9.67
N GLN A 132 3.03 -10.05 9.96
CA GLN A 132 2.81 -10.29 11.40
C GLN A 132 4.10 -10.67 12.10
N GLU A 133 5.03 -11.29 11.38
CA GLU A 133 6.29 -11.66 12.01
C GLU A 133 7.12 -10.42 12.27
N VAL A 134 7.09 -9.45 11.35
CA VAL A 134 7.79 -8.19 11.60
C VAL A 134 7.23 -7.53 12.84
N VAL A 135 5.90 -7.48 12.96
CA VAL A 135 5.30 -6.88 14.14
C VAL A 135 5.74 -7.64 15.38
N ARG A 136 5.69 -8.98 15.32
CA ARG A 136 6.10 -9.77 16.49
C ARG A 136 7.54 -9.49 16.86
N GLU A 137 8.46 -9.47 15.87
CA GLU A 137 9.87 -9.28 16.24
C GLU A 137 10.16 -7.84 16.68
N LEU A 138 9.36 -6.88 16.26
CA LEU A 138 9.60 -5.49 16.66
C LEU A 138 9.17 -5.21 18.09
N LEU A 139 8.22 -5.97 18.64
CA LEU A 139 7.79 -5.70 20.01
C LEU A 139 8.97 -5.68 20.97
N GLY A 140 9.96 -6.54 20.72
CA GLY A 140 11.16 -6.58 21.55
C GLY A 140 12.22 -5.55 21.22
N ARG A 141 11.99 -4.72 20.22
CA ARG A 141 12.89 -3.63 19.89
C ARG A 141 12.26 -2.27 20.20
N GLY A 142 11.22 -2.24 21.01
CA GLY A 142 10.58 -1.00 21.41
C GLY A 142 9.12 -0.85 21.03
N LEU A 143 8.62 -1.64 20.06
CA LEU A 143 7.22 -1.46 19.67
C LEU A 143 6.26 -1.75 20.82
N SER A 144 6.67 -2.53 21.83
CA SER A 144 5.78 -2.77 22.97
C SER A 144 5.41 -1.47 23.68
N GLY A 145 6.24 -0.44 23.56
CA GLY A 145 5.96 0.84 24.20
C GLY A 145 5.27 1.86 23.34
N ALA A 146 4.72 1.45 22.20
CA ALA A 146 4.16 2.37 21.22
C ALA A 146 2.77 2.84 21.66
N LYS A 147 2.44 4.07 21.27
CA LYS A 147 1.05 4.52 21.34
C LYS A 147 0.37 4.46 19.99
N VAL A 148 1.12 4.54 18.89
CA VAL A 148 0.51 4.49 17.56
C VAL A 148 1.36 3.62 16.66
N LEU A 149 0.75 2.69 15.93
CA LEU A 149 1.44 1.92 14.90
C LEU A 149 0.76 2.30 13.60
N LEU A 150 1.47 2.97 12.71
CA LEU A 150 0.89 3.35 11.42
C LEU A 150 1.41 2.37 10.38
N LEU A 151 0.51 1.61 9.79
CA LEU A 151 0.82 0.64 8.74
C LEU A 151 0.56 1.34 7.42
N ALA A 152 1.64 1.74 6.75
CA ALA A 152 1.60 2.48 5.50
C ALA A 152 2.12 1.61 4.35
N GLY A 153 1.87 2.06 3.12
CA GLY A 153 2.30 1.25 2.00
C GLY A 153 1.92 1.92 0.71
N SER A 154 2.69 1.66 -0.36
CA SER A 154 2.48 2.27 -1.67
C SER A 154 2.24 1.18 -2.72
N SER A 155 1.27 1.44 -3.60
CA SER A 155 0.95 0.57 -4.76
C SER A 155 0.49 -0.77 -4.21
N ALA A 156 1.11 -1.90 -4.59
CA ALA A 156 0.73 -3.18 -3.99
C ALA A 156 0.82 -3.12 -2.48
N GLY A 157 1.72 -2.28 -1.95
CA GLY A 157 1.81 -2.15 -0.51
C GLY A 157 0.67 -1.33 0.06
N GLY A 158 0.10 -0.44 -0.75
CA GLY A 158 -1.10 0.27 -0.32
C GLY A 158 -2.30 -0.66 -0.23
N THR A 159 -2.49 -1.50 -1.25
CA THR A 159 -3.51 -2.53 -1.13
C THR A 159 -3.20 -3.46 0.07
N GLY A 160 -1.92 -3.77 0.29
CA GLY A 160 -1.54 -4.57 1.43
C GLY A 160 -1.92 -3.98 2.77
N VAL A 161 -1.92 -2.65 2.89
CA VAL A 161 -2.41 -2.02 4.12
C VAL A 161 -3.86 -2.40 4.35
N LEU A 162 -4.69 -2.25 3.31
CA LEU A 162 -6.12 -2.55 3.43
C LEU A 162 -6.37 -4.01 3.78
N LEU A 163 -5.56 -4.93 3.26
CA LEU A 163 -5.75 -6.34 3.53
C LEU A 163 -5.27 -6.73 4.92
N ASN A 164 -4.31 -5.98 5.49
CA ASN A 164 -3.61 -6.39 6.71
C ASN A 164 -3.81 -5.48 7.92
N VAL A 165 -4.35 -4.27 7.78
CA VAL A 165 -4.35 -3.38 8.95
C VAL A 165 -5.13 -4.00 10.11
N ASP A 166 -6.33 -4.51 9.84
CA ASP A 166 -7.13 -5.07 10.92
C ASP A 166 -6.47 -6.32 11.50
N ARG A 167 -5.77 -7.10 10.68
CA ARG A 167 -5.08 -8.26 11.25
C ARG A 167 -3.94 -7.87 12.19
N VAL A 168 -3.17 -6.84 11.85
CA VAL A 168 -2.14 -6.33 12.75
C VAL A 168 -2.76 -5.88 14.05
N ALA A 169 -3.87 -5.14 13.94
CA ALA A 169 -4.55 -4.70 15.16
C ALA A 169 -4.91 -5.88 16.02
N GLU A 170 -5.17 -7.04 15.42
CA GLU A 170 -5.91 -7.94 16.23
C GLU A 170 -4.90 -8.88 16.91
N GLN A 171 -3.73 -9.10 16.27
CA GLN A 171 -2.67 -9.82 16.97
C GLN A 171 -2.16 -8.99 18.13
N LEU A 172 -2.07 -7.68 17.93
CA LEU A 172 -1.61 -6.87 19.04
C LEU A 172 -2.58 -6.94 20.21
N GLU A 173 -3.88 -7.08 19.93
CA GLU A 173 -4.84 -7.23 21.01
C GLU A 173 -4.73 -8.61 21.65
N LYS A 174 -4.64 -9.65 20.83
CA LYS A 174 -4.50 -11.01 21.35
C LYS A 174 -3.14 -11.26 21.98
N LEU A 175 -2.16 -10.38 21.73
CA LEU A 175 -0.85 -10.46 22.37
C LEU A 175 -0.75 -9.60 23.63
N GLY A 176 -1.84 -8.96 24.05
CA GLY A 176 -1.85 -8.22 25.30
C GLY A 176 -1.41 -6.77 25.20
N TYR A 177 -1.59 -6.15 24.04
CA TYR A 177 -1.17 -4.77 23.80
C TYR A 177 -2.34 -3.98 23.25
N PRO A 178 -3.39 -3.77 24.05
CA PRO A 178 -4.54 -3.01 23.55
C PRO A 178 -4.31 -1.51 23.50
N ALA A 179 -3.22 -1.01 24.10
CA ALA A 179 -2.92 0.42 24.12
C ALA A 179 -2.38 0.94 22.79
N ILE A 180 -1.76 0.07 21.99
CA ILE A 180 -1.21 0.50 20.70
C ILE A 180 -2.35 0.76 19.73
N GLN A 181 -2.46 1.98 19.23
CA GLN A 181 -3.50 2.29 18.25
C GLN A 181 -2.97 1.98 16.87
N VAL A 182 -3.51 0.95 16.23
CA VAL A 182 -3.13 0.61 14.86
C VAL A 182 -3.97 1.44 13.89
N ARG A 183 -3.30 2.07 12.92
CA ARG A 183 -3.97 2.83 11.86
C ARG A 183 -3.35 2.45 10.53
N GLY A 184 -4.03 2.81 9.44
CA GLY A 184 -3.55 2.49 8.10
C GLY A 184 -3.33 3.72 7.24
N LEU A 185 -2.37 3.62 6.33
CA LEU A 185 -2.12 4.67 5.34
C LEU A 185 -1.91 3.98 4.00
N ALA A 186 -2.90 4.04 3.14
CA ALA A 186 -2.89 3.28 1.89
C ALA A 186 -2.70 4.28 0.75
N ASP A 187 -1.51 4.22 0.13
CA ASP A 187 -1.08 5.12 -0.92
C ASP A 187 -1.08 4.39 -2.27
N SER A 188 -1.89 4.87 -3.21
CA SER A 188 -1.89 4.34 -4.57
C SER A 188 -2.26 2.86 -4.64
N GLY A 189 -3.12 2.40 -3.74
CA GLY A 189 -3.51 1.02 -3.80
C GLY A 189 -5.02 0.86 -3.84
N TRP A 190 -5.72 1.90 -4.30
CA TRP A 190 -7.18 2.00 -4.33
C TRP A 190 -7.60 1.88 -5.80
N PHE A 191 -7.77 0.64 -6.26
CA PHE A 191 -8.01 0.33 -7.66
C PHE A 191 -9.48 0.07 -7.94
N LEU A 192 -9.84 0.18 -9.23
CA LEU A 192 -11.18 -0.05 -9.74
C LEU A 192 -11.15 -1.29 -10.60
N ASP A 193 -12.12 -2.17 -10.38
CA ASP A 193 -12.32 -3.35 -11.22
C ASP A 193 -13.22 -2.98 -12.40
N ASN A 194 -12.72 -2.08 -13.26
CA ASN A 194 -13.48 -1.50 -14.36
C ASN A 194 -13.15 -2.19 -15.67
N LYS A 195 -13.85 -1.80 -16.74
CA LYS A 195 -13.57 -2.32 -18.09
C LYS A 195 -12.35 -1.62 -18.68
N GLN A 196 -11.44 -2.40 -19.27
CA GLN A 196 -10.32 -1.81 -20.00
C GLN A 196 -10.82 -0.89 -21.11
N TYR A 197 -9.97 0.05 -21.49
CA TYR A 197 -10.29 0.94 -22.60
C TYR A 197 -10.24 0.17 -23.92
N ARG A 198 -9.24 -0.68 -24.10
CA ARG A 198 -9.16 -1.66 -25.18
C ARG A 198 -8.85 -3.02 -24.60
N HIS A 199 -9.55 -4.05 -25.10
CA HIS A 199 -9.36 -5.39 -24.55
C HIS A 199 -7.98 -5.94 -24.89
N THR A 200 -7.36 -6.60 -23.92
CA THR A 200 -6.14 -7.39 -24.14
C THR A 200 -6.37 -8.79 -23.59
N ASP A 201 -5.49 -9.70 -23.99
CA ASP A 201 -5.44 -11.02 -23.37
C ASP A 201 -4.67 -10.93 -22.06
N CYS A 202 -5.13 -11.68 -21.06
CA CYS A 202 -4.47 -11.73 -19.77
C CYS A 202 -3.13 -12.47 -19.87
N THR A 207 -0.31 -7.19 -19.07
CA THR A 207 -1.43 -6.27 -18.93
C THR A 207 -2.75 -7.02 -18.82
N CYS A 208 -2.91 -7.72 -17.71
CA CYS A 208 -4.15 -8.44 -17.43
C CYS A 208 -5.20 -7.48 -16.88
N ALA A 209 -6.45 -7.71 -17.25
CA ALA A 209 -7.52 -6.89 -16.70
C ALA A 209 -7.52 -7.00 -15.18
N PRO A 210 -7.71 -5.88 -14.46
CA PRO A 210 -7.55 -5.89 -12.99
C PRO A 210 -8.30 -7.04 -12.32
N THR A 211 -9.54 -7.29 -12.74
CA THR A 211 -10.36 -8.31 -12.10
C THR A 211 -9.72 -9.69 -12.21
N GLU A 212 -9.43 -10.16 -13.43
CA GLU A 212 -8.98 -11.54 -13.57
C GLU A 212 -7.56 -11.77 -13.06
N ALA A 213 -6.74 -10.71 -12.98
CA ALA A 213 -5.40 -10.90 -12.42
C ALA A 213 -5.49 -11.42 -10.98
N ILE A 214 -6.33 -10.78 -10.18
CA ILE A 214 -6.45 -11.12 -8.75
C ILE A 214 -7.11 -12.48 -8.53
N ARG A 215 -8.13 -12.81 -9.33
CA ARG A 215 -8.76 -14.13 -9.14
C ARG A 215 -7.74 -15.24 -9.29
N ARG A 216 -6.86 -15.15 -10.29
CA ARG A 216 -5.85 -16.17 -10.48
C ARG A 216 -4.78 -16.07 -9.39
N GLY A 217 -4.37 -14.85 -9.07
CA GLY A 217 -3.37 -14.66 -8.04
C GLY A 217 -3.81 -15.21 -6.70
N ILE A 218 -5.03 -14.84 -6.28
CA ILE A 218 -5.47 -15.20 -4.94
C ILE A 218 -5.53 -16.72 -4.78
N ARG A 219 -5.94 -17.44 -5.83
CA ARG A 219 -5.88 -18.90 -5.81
C ARG A 219 -4.43 -19.37 -5.75
N TYR A 220 -3.56 -18.81 -6.60
CA TYR A 220 -2.18 -19.27 -6.66
C TYR A 220 -1.44 -19.02 -5.34
N TRP A 221 -1.73 -17.91 -4.67
CA TRP A 221 -1.02 -17.63 -3.43
C TRP A 221 -1.67 -18.22 -2.20
N ASN A 222 -2.87 -18.78 -2.36
CA ASN A 222 -3.74 -19.03 -1.22
C ASN A 222 -3.81 -17.76 -0.36
N GLY A 223 -4.14 -16.66 -1.03
CA GLY A 223 -4.12 -15.38 -0.38
C GLY A 223 -5.27 -15.26 0.61
N VAL A 224 -5.08 -14.40 1.63
CA VAL A 224 -6.06 -14.24 2.70
C VAL A 224 -6.50 -12.79 2.74
N VAL A 225 -7.76 -12.58 3.10
CA VAL A 225 -8.35 -11.24 3.05
C VAL A 225 -8.96 -10.91 4.42
N PRO A 226 -9.31 -9.66 4.73
CA PRO A 226 -9.90 -9.35 6.04
C PRO A 226 -11.19 -10.14 6.25
N GLU A 227 -11.44 -10.49 7.53
CA GLU A 227 -12.45 -11.47 7.85
C GLU A 227 -13.85 -10.99 7.50
N ARG A 228 -14.18 -9.76 7.85
CA ARG A 228 -15.53 -9.28 7.58
C ARG A 228 -15.78 -9.22 6.09
N CYS A 229 -14.75 -8.81 5.33
CA CYS A 229 -14.88 -8.74 3.87
C CYS A 229 -15.04 -10.13 3.29
N ARG A 230 -14.28 -11.10 3.80
CA ARG A 230 -14.44 -12.50 3.39
C ARG A 230 -15.85 -13.01 3.68
N ARG A 231 -16.39 -12.69 4.85
CA ARG A 231 -17.72 -13.18 5.17
C ARG A 231 -18.79 -12.57 4.27
N GLN A 232 -18.59 -11.33 3.79
CA GLN A 232 -19.53 -10.73 2.85
C GLN A 232 -19.49 -11.44 1.49
N PHE A 233 -18.30 -11.59 0.92
CA PHE A 233 -18.21 -12.06 -0.46
C PHE A 233 -18.14 -13.59 -0.58
N GLN A 234 -17.63 -14.27 0.46
CA GLN A 234 -17.64 -15.72 0.59
C GLN A 234 -16.77 -16.46 -0.43
N GLU A 235 -16.78 -17.78 -0.32
CA GLU A 235 -15.78 -18.61 -1.00
C GLU A 235 -15.80 -18.34 -2.50
N GLY A 236 -14.59 -18.26 -3.06
CA GLY A 236 -14.45 -18.06 -4.47
C GLY A 236 -14.63 -16.63 -4.92
N GLU A 237 -15.09 -15.74 -4.05
CA GLU A 237 -15.30 -14.34 -4.42
C GLU A 237 -14.41 -13.39 -3.64
N GLU A 238 -13.38 -13.92 -2.99
CA GLU A 238 -12.53 -13.15 -2.11
C GLU A 238 -11.68 -12.16 -2.89
N TRP A 239 -11.46 -12.38 -4.21
CA TRP A 239 -10.77 -11.38 -5.01
C TRP A 239 -11.37 -9.99 -4.80
N ASN A 240 -12.66 -9.91 -4.46
CA ASN A 240 -13.33 -8.61 -4.30
C ASN A 240 -12.66 -7.77 -3.23
N CYS A 241 -12.09 -8.42 -2.22
CA CYS A 241 -11.53 -7.69 -1.09
C CYS A 241 -10.20 -7.04 -1.42
N PHE A 242 -9.64 -7.27 -2.62
CA PHE A 242 -8.44 -6.60 -3.07
C PHE A 242 -8.73 -5.22 -3.64
N PHE A 243 -10.00 -4.81 -3.69
CA PHE A 243 -10.43 -3.56 -4.29
C PHE A 243 -10.90 -2.62 -3.19
N GLY A 244 -10.19 -1.50 -3.07
CA GLY A 244 -10.35 -0.61 -1.93
C GLY A 244 -11.79 -0.22 -1.63
N TYR A 245 -12.57 0.15 -2.66
CA TYR A 245 -13.92 0.59 -2.39
C TYR A 245 -14.80 -0.53 -1.87
N LYS A 246 -14.42 -1.79 -2.06
CA LYS A 246 -15.17 -2.93 -1.52
C LYS A 246 -14.68 -3.35 -0.13
N VAL A 247 -13.39 -3.27 0.16
CA VAL A 247 -12.89 -3.77 1.43
C VAL A 247 -12.90 -2.69 2.51
N TYR A 248 -12.66 -1.44 2.14
CA TYR A 248 -12.60 -0.34 3.11
C TYR A 248 -13.82 -0.25 4.02
N PRO A 249 -15.06 -0.29 3.53
CA PRO A 249 -16.21 -0.23 4.45
C PRO A 249 -16.21 -1.32 5.49
N THR A 250 -15.49 -2.41 5.29
CA THR A 250 -15.54 -3.50 6.26
C THR A 250 -14.51 -3.35 7.38
N LEU A 251 -13.54 -2.45 7.22
CA LEU A 251 -12.45 -2.32 8.18
C LEU A 251 -12.88 -1.51 9.41
N ARG A 252 -12.33 -1.90 10.58
CA ARG A 252 -12.32 -1.13 11.83
C ARG A 252 -11.22 -0.14 12.04
N SER A 253 -10.01 -0.47 11.66
CA SER A 253 -8.94 0.45 11.96
C SER A 253 -9.11 1.73 11.14
N PRO A 254 -8.78 2.89 11.70
CA PRO A 254 -8.72 4.13 10.89
C PRO A 254 -7.75 3.94 9.74
N VAL A 255 -8.19 4.29 8.52
CA VAL A 255 -7.35 4.16 7.34
C VAL A 255 -7.45 5.45 6.54
N PHE A 256 -6.29 6.05 6.27
CA PHE A 256 -6.19 7.23 5.43
C PHE A 256 -5.86 6.77 4.02
N VAL A 257 -6.63 7.21 3.03
CA VAL A 257 -6.48 6.75 1.63
C VAL A 257 -5.86 7.88 0.81
N VAL A 258 -4.70 7.61 0.19
CA VAL A 258 -4.03 8.55 -0.72
C VAL A 258 -4.10 7.95 -2.11
N GLN A 259 -4.63 8.70 -3.08
CA GLN A 259 -4.82 8.04 -4.37
C GLN A 259 -4.86 9.07 -5.48
N TRP A 260 -3.92 8.99 -6.41
CA TRP A 260 -4.06 9.79 -7.61
C TRP A 260 -5.36 9.42 -8.33
N LEU A 261 -6.08 10.43 -8.85
CA LEU A 261 -7.32 10.12 -9.54
C LEU A 261 -7.04 9.35 -10.82
N PHE A 262 -5.88 9.60 -11.44
CA PHE A 262 -5.47 8.96 -12.68
C PHE A 262 -4.18 8.19 -12.41
N ASP A 263 -4.28 7.16 -11.56
CA ASP A 263 -3.13 6.34 -11.23
C ASP A 263 -2.55 5.66 -12.47
N GLU A 264 -1.22 5.73 -12.63
CA GLU A 264 -0.55 5.13 -13.79
C GLU A 264 -0.76 3.62 -13.88
N ALA A 265 -0.74 2.95 -12.73
CA ALA A 265 -0.92 1.51 -12.74
C ALA A 265 -2.35 1.14 -13.12
N GLN A 266 -3.33 1.90 -12.64
CA GLN A 266 -4.71 1.71 -13.11
C GLN A 266 -4.83 1.89 -14.63
N LEU A 267 -4.26 2.97 -15.17
CA LEU A 267 -4.32 3.15 -16.62
C LEU A 267 -3.61 2.01 -17.35
N THR A 268 -2.49 1.54 -16.79
CA THR A 268 -1.78 0.43 -17.44
C THR A 268 -2.67 -0.78 -17.59
N VAL A 269 -3.33 -1.20 -16.49
CA VAL A 269 -4.18 -2.37 -16.57
C VAL A 269 -5.44 -2.08 -17.36
N ASP A 270 -5.78 -0.81 -17.57
CA ASP A 270 -6.89 -0.43 -18.42
C ASP A 270 -6.50 -0.30 -19.88
N ASN A 271 -5.26 -0.67 -20.23
CA ASN A 271 -4.71 -0.52 -21.58
C ASN A 271 -4.85 0.91 -22.11
N VAL A 272 -4.52 1.89 -21.26
CA VAL A 272 -4.51 3.29 -21.69
C VAL A 272 -3.06 3.72 -21.71
N HIS A 273 -2.62 4.21 -22.87
CA HIS A 273 -1.26 4.70 -23.06
C HIS A 273 -1.34 6.09 -23.65
N LEU A 274 -0.91 7.10 -22.86
CA LEU A 274 -0.93 8.50 -23.27
C LEU A 274 0.43 8.83 -23.90
N THR A 275 0.53 8.51 -25.19
CA THR A 275 1.79 8.62 -25.91
C THR A 275 1.82 9.90 -26.74
N GLY A 276 1.60 11.04 -26.10
CA GLY A 276 1.44 12.23 -26.88
C GLY A 276 0.24 12.10 -27.82
N GLN A 277 0.24 12.98 -28.82
CA GLN A 277 -0.82 13.10 -29.82
C GLN A 277 -2.12 13.56 -29.18
N PRO A 278 -2.97 14.24 -29.93
CA PRO A 278 -4.28 14.63 -29.39
C PRO A 278 -5.10 13.42 -28.98
N VAL A 279 -5.58 13.46 -27.74
CA VAL A 279 -6.44 12.42 -27.23
C VAL A 279 -7.80 12.56 -27.90
N GLN A 280 -8.32 11.45 -28.44
CA GLN A 280 -9.59 11.48 -29.16
C GLN A 280 -10.75 11.34 -28.18
N GLU A 281 -11.94 11.69 -28.68
CA GLU A 281 -13.13 11.77 -27.84
C GLU A 281 -13.35 10.53 -26.97
N GLY A 282 -13.24 9.33 -27.55
CA GLY A 282 -13.52 8.13 -26.78
C GLY A 282 -12.60 7.97 -25.57
N LEU A 283 -11.30 8.18 -25.78
CA LEU A 283 -10.36 8.08 -24.67
C LEU A 283 -10.56 9.23 -23.68
N ARG A 284 -10.82 10.44 -24.18
CA ARG A 284 -11.09 11.54 -23.28
C ARG A 284 -12.23 11.19 -22.32
N LEU A 285 -13.36 10.75 -22.88
CA LEU A 285 -14.48 10.40 -22.01
C LEU A 285 -14.13 9.21 -21.12
N TYR A 286 -13.31 8.27 -21.63
CA TYR A 286 -12.91 7.14 -20.80
C TYR A 286 -12.12 7.63 -19.58
N ILE A 287 -11.15 8.50 -19.81
CA ILE A 287 -10.31 8.98 -18.72
C ILE A 287 -11.11 9.86 -17.77
N GLN A 288 -12.03 10.66 -18.32
CA GLN A 288 -12.81 11.53 -17.45
C GLN A 288 -13.78 10.73 -16.60
N ASN A 289 -14.38 9.67 -17.19
CA ASN A 289 -15.22 8.79 -16.40
C ASN A 289 -14.39 8.07 -15.32
N LEU A 290 -13.15 7.69 -15.61
CA LEU A 290 -12.32 7.03 -14.60
C LEU A 290 -12.11 7.93 -13.38
N GLY A 291 -11.72 9.18 -13.61
CA GLY A 291 -11.58 10.12 -12.51
C GLY A 291 -12.88 10.32 -11.74
N ARG A 292 -14.00 10.47 -12.46
CA ARG A 292 -15.30 10.61 -11.78
C ARG A 292 -15.60 9.39 -10.92
N GLU A 293 -15.38 8.19 -11.45
CA GLU A 293 -15.73 7.03 -10.63
C GLU A 293 -14.79 6.89 -9.45
N LEU A 294 -13.51 7.21 -9.62
CA LEU A 294 -12.63 7.22 -8.45
C LEU A 294 -13.10 8.22 -7.40
N ARG A 295 -13.36 9.48 -7.78
CA ARG A 295 -14.00 10.42 -6.85
C ARG A 295 -15.20 9.84 -6.14
N HIS A 296 -16.09 9.19 -6.89
CA HIS A 296 -17.31 8.70 -6.29
C HIS A 296 -17.02 7.66 -5.21
N THR A 297 -16.02 6.80 -5.44
CA THR A 297 -15.72 5.79 -4.44
C THR A 297 -15.08 6.42 -3.20
N LEU A 298 -14.55 7.64 -3.31
CA LEU A 298 -13.93 8.26 -2.16
C LEU A 298 -14.87 9.18 -1.39
N LYS A 299 -16.13 9.34 -1.81
CA LYS A 299 -16.98 10.38 -1.22
C LYS A 299 -17.22 10.12 0.25
N ASP A 300 -17.37 8.86 0.65
CA ASP A 300 -17.62 8.50 2.03
C ASP A 300 -16.38 7.98 2.72
N VAL A 301 -15.19 8.31 2.23
CA VAL A 301 -13.94 7.99 2.93
C VAL A 301 -13.50 9.24 3.65
N PRO A 302 -13.65 9.34 4.97
CA PRO A 302 -13.45 10.62 5.62
C PRO A 302 -12.01 11.11 5.60
N ALA A 303 -11.02 10.21 5.60
CA ALA A 303 -9.63 10.62 5.64
C ALA A 303 -9.03 10.21 4.30
N SER A 304 -8.86 11.16 3.39
CA SER A 304 -8.38 10.80 2.07
C SER A 304 -7.77 12.02 1.39
N PHE A 305 -6.91 11.74 0.40
CA PHE A 305 -6.11 12.76 -0.28
C PHE A 305 -5.99 12.28 -1.71
N ALA A 306 -6.67 12.94 -2.64
CA ALA A 306 -6.81 12.36 -3.98
C ALA A 306 -6.66 13.43 -5.02
N PRO A 307 -5.43 13.74 -5.46
CA PRO A 307 -5.24 14.81 -6.44
C PRO A 307 -5.48 14.33 -7.86
N ALA A 308 -5.86 15.28 -8.71
CA ALA A 308 -6.16 14.99 -10.12
C ALA A 308 -4.87 15.04 -10.93
N CYS A 309 -4.02 14.04 -10.71
CA CYS A 309 -2.75 13.89 -11.41
C CYS A 309 -2.63 12.51 -12.01
N LEU A 310 -1.90 12.44 -13.11
CA LEU A 310 -1.43 11.19 -13.70
C LEU A 310 -0.06 10.89 -13.08
N SER A 311 -0.01 9.94 -12.15
CA SER A 311 1.24 9.63 -11.46
C SER A 311 1.10 8.27 -10.76
N HIS A 312 2.09 7.90 -9.97
CA HIS A 312 2.10 6.61 -9.28
C HIS A 312 2.92 6.73 -8.01
N GLU A 313 2.31 6.46 -6.85
CA GLU A 313 2.94 6.51 -5.53
C GLU A 313 3.30 7.93 -5.11
N ILE A 314 3.44 8.15 -3.80
CA ILE A 314 3.84 9.46 -3.34
C ILE A 314 4.55 9.44 -1.99
N ILE A 315 4.09 8.63 -1.04
CA ILE A 315 4.47 8.94 0.33
C ILE A 315 5.93 8.69 0.63
N ILE A 316 6.65 7.84 -0.12
CA ILE A 316 8.09 7.74 0.13
C ILE A 316 8.93 8.49 -0.90
N ARG A 317 8.33 9.34 -1.71
CA ARG A 317 9.12 10.22 -2.57
C ARG A 317 9.60 11.45 -1.81
N SER A 318 10.81 11.91 -2.16
CA SER A 318 11.40 12.99 -1.37
C SER A 318 10.61 14.29 -1.49
N HIS A 319 9.94 14.50 -2.62
CA HIS A 319 9.14 15.69 -2.87
C HIS A 319 7.65 15.48 -2.66
N TRP A 320 7.30 14.57 -1.75
CA TRP A 320 5.89 14.33 -1.44
C TRP A 320 5.25 15.51 -0.73
N THR A 321 6.05 16.44 -0.20
CA THR A 321 5.54 17.66 0.43
C THR A 321 4.94 18.62 -0.57
N ASP A 322 5.20 18.43 -1.86
CA ASP A 322 4.94 19.48 -2.83
C ASP A 322 3.49 19.50 -3.29
N VAL A 323 2.80 18.38 -3.30
CA VAL A 323 1.48 18.32 -3.93
C VAL A 323 0.46 18.86 -2.93
N GLN A 324 -0.53 19.60 -3.43
CA GLN A 324 -1.58 20.14 -2.59
C GLN A 324 -2.94 19.90 -3.23
N VAL A 325 -3.96 19.68 -2.40
CA VAL A 325 -5.36 19.65 -2.83
C VAL A 325 -6.08 20.73 -2.05
N LYS A 326 -6.77 21.65 -2.75
CA LYS A 326 -7.40 22.79 -2.09
C LYS A 326 -6.47 23.47 -1.08
N GLY A 327 -5.21 23.65 -1.46
CA GLY A 327 -4.28 24.42 -0.66
C GLY A 327 -3.64 23.69 0.50
N THR A 328 -3.93 22.41 0.68
CA THR A 328 -3.45 21.66 1.82
C THR A 328 -2.57 20.55 1.31
N SER A 329 -1.38 20.40 1.90
CA SER A 329 -0.46 19.36 1.47
C SER A 329 -0.79 18.02 2.13
N LEU A 330 -0.13 16.96 1.64
CA LEU A 330 -0.36 15.64 2.22
C LEU A 330 0.18 15.55 3.64
N PRO A 331 1.41 16.01 3.95
CA PRO A 331 1.85 15.97 5.36
C PRO A 331 0.92 16.75 6.27
N ARG A 332 0.38 17.88 5.80
CA ARG A 332 -0.58 18.60 6.64
C ARG A 332 -1.85 17.78 6.83
N ALA A 333 -2.40 17.23 5.74
CA ALA A 333 -3.64 16.43 5.87
C ALA A 333 -3.44 15.31 6.88
N LEU A 334 -2.25 14.71 6.87
CA LEU A 334 -1.98 13.58 7.78
C LEU A 334 -1.90 14.05 9.24
N HIS A 335 -1.21 15.18 9.47
CA HIS A 335 -1.25 15.81 10.79
C HIS A 335 -2.69 16.09 11.24
N CYS A 336 -3.51 16.63 10.35
CA CYS A 336 -4.92 16.89 10.68
C CYS A 336 -5.65 15.59 11.03
N TRP A 337 -5.37 14.52 10.27
CA TRP A 337 -5.91 13.20 10.61
C TRP A 337 -5.48 12.81 12.02
N ASP A 338 -4.20 12.99 12.35
CA ASP A 338 -3.74 12.73 13.71
C ASP A 338 -4.59 13.47 14.74
N ARG A 339 -4.80 14.77 14.53
CA ARG A 339 -5.59 15.55 15.48
C ARG A 339 -7.01 15.05 15.58
N SER A 340 -7.59 14.62 14.46
CA SER A 340 -8.96 14.16 14.52
C SER A 340 -9.10 12.84 15.29
N LEU A 341 -8.02 12.09 15.44
CA LEU A 341 -8.04 10.81 16.16
C LEU A 341 -7.69 10.97 17.64
N HIS A 342 -7.80 12.19 18.18
CA HIS A 342 -7.66 12.39 19.62
C HIS A 342 -8.99 12.11 20.32
N PRO A 351 -14.07 17.93 12.17
CA PRO A 351 -14.60 19.29 12.32
C PRO A 351 -13.57 20.27 12.88
N LEU A 352 -12.31 20.17 12.44
CA LEU A 352 -11.25 21.07 12.88
C LEU A 352 -11.18 22.32 11.99
N LYS A 353 -10.86 23.46 12.59
CA LYS A 353 -10.84 24.72 11.85
C LYS A 353 -9.62 24.77 10.95
N GLY A 354 -9.83 24.79 9.64
CA GLY A 354 -8.71 24.95 8.73
C GLY A 354 -7.70 23.81 8.75
N CYS A 355 -8.11 22.59 9.08
CA CYS A 355 -7.18 21.46 9.13
C CYS A 355 -7.98 20.30 8.56
N PRO A 356 -8.17 20.27 7.25
CA PRO A 356 -9.06 19.27 6.64
C PRO A 356 -8.39 17.93 6.53
N VAL A 357 -9.21 16.89 6.55
CA VAL A 357 -8.74 15.52 6.38
C VAL A 357 -9.28 14.86 5.12
N HIS A 358 -10.35 15.38 4.53
CA HIS A 358 -10.95 14.81 3.31
C HIS A 358 -10.66 15.77 2.17
N LEU A 359 -9.68 15.43 1.33
CA LEU A 359 -9.23 16.33 0.26
C LEU A 359 -9.23 15.62 -1.10
N VAL A 360 -10.27 15.83 -1.89
CA VAL A 360 -10.43 15.12 -3.15
C VAL A 360 -10.64 16.17 -4.23
N ASP A 361 -9.73 16.22 -5.22
CA ASP A 361 -9.94 17.14 -6.36
C ASP A 361 -11.22 16.84 -7.09
N SER A 362 -11.85 17.89 -7.57
CA SER A 362 -13.03 17.79 -8.39
C SER A 362 -12.76 18.11 -9.86
N CYS A 363 -11.60 18.64 -10.22
CA CYS A 363 -11.37 18.94 -11.63
C CYS A 363 -11.15 17.63 -12.42
N PRO A 364 -11.52 17.59 -13.70
CA PRO A 364 -11.74 16.30 -14.36
C PRO A 364 -10.65 15.78 -15.29
N TRP A 365 -9.45 16.38 -15.32
CA TRP A 365 -8.43 15.94 -16.28
C TRP A 365 -7.07 15.89 -15.60
N PRO A 366 -6.21 14.94 -15.97
CA PRO A 366 -4.86 14.92 -15.37
C PRO A 366 -4.15 16.26 -15.46
N HIS A 367 -3.67 16.72 -14.32
CA HIS A 367 -2.83 17.88 -14.10
C HIS A 367 -3.68 19.16 -14.12
N CYS A 368 -5.01 19.04 -13.96
CA CYS A 368 -5.82 20.22 -13.66
C CYS A 368 -5.47 20.79 -12.28
N ASN A 369 -4.85 20.00 -11.43
CA ASN A 369 -4.26 20.50 -10.20
C ASN A 369 -2.84 20.99 -10.50
N PRO A 370 -2.51 22.26 -10.26
CA PRO A 370 -1.19 22.74 -10.70
C PRO A 370 -0.03 22.23 -9.86
N SER A 371 -0.26 21.60 -8.71
CA SER A 371 0.83 21.06 -7.90
C SER A 371 1.16 19.61 -8.25
N CYS A 372 0.59 19.07 -9.32
CA CYS A 372 0.87 17.67 -9.70
C CYS A 372 2.36 17.49 -10.00
N PRO A 373 2.91 16.31 -9.72
CA PRO A 373 4.32 16.04 -10.04
C PRO A 373 4.59 16.17 -11.52
N THR A 374 5.83 16.52 -11.85
CA THR A 374 6.25 16.47 -13.24
C THR A 374 7.12 15.23 -13.48
S SO4 B . -8.41 -13.03 9.96
O1 SO4 B . -8.85 -11.97 10.89
O2 SO4 B . -7.01 -13.35 10.23
O3 SO4 B . -8.52 -12.53 8.59
O4 SO4 B . -9.22 -14.25 10.14
S SO4 C . 17.35 -7.89 -9.61
O1 SO4 C . 16.30 -7.45 -8.70
O2 SO4 C . 18.38 -8.63 -8.89
O3 SO4 C . 16.80 -8.80 -10.63
O4 SO4 C . 17.95 -6.75 -10.25
S SO4 D . 4.31 -24.29 -9.19
O1 SO4 D . 4.65 -22.86 -9.10
O2 SO4 D . 4.38 -24.89 -7.86
O3 SO4 D . 2.97 -24.38 -9.74
O4 SO4 D . 5.26 -24.98 -10.08
S SO4 E . 6.36 11.37 19.93
O1 SO4 E . 7.10 12.21 20.86
O2 SO4 E . 5.17 12.10 19.50
O3 SO4 E . 5.94 10.14 20.63
O4 SO4 E . 7.21 11.08 18.78
S SO4 F . -19.48 -8.87 12.45
O1 SO4 F . -18.17 -8.65 13.07
O2 SO4 F . -20.51 -8.31 13.35
O3 SO4 F . -19.52 -8.19 11.15
O4 SO4 F . -19.69 -10.29 12.21
S SO4 G . 6.82 13.95 14.83
O1 SO4 G . 7.52 14.56 15.96
O2 SO4 G . 5.45 13.53 15.22
O3 SO4 G . 6.75 14.95 13.77
O4 SO4 G . 7.56 12.78 14.38
S SO4 H . -5.74 5.55 -28.83
O1 SO4 H . -5.34 6.94 -28.69
O2 SO4 H . -5.15 4.79 -27.74
O3 SO4 H . -5.25 5.02 -30.11
O4 SO4 H . -7.22 5.46 -28.79
C1 GOL I . 0.33 16.05 16.00
O1 GOL I . -0.84 15.60 16.64
C2 GOL I . 0.95 14.85 15.22
O2 GOL I . 0.35 13.63 15.57
C3 GOL I . 0.74 15.15 13.73
O3 GOL I . 2.01 15.67 13.16
C1 NAG J . 7.49 -18.91 12.66
C2 NAG J . 6.83 -19.35 13.97
C3 NAG J . 5.75 -20.39 13.71
C4 NAG J . 4.77 -19.88 12.68
C5 NAG J . 5.52 -19.48 11.41
C6 NAG J . 4.61 -18.88 10.36
C7 NAG J . 8.35 -19.18 15.89
C8 NAG J . 9.38 -19.88 16.73
N2 NAG J . 7.84 -19.88 14.89
O3 NAG J . 5.03 -20.61 14.92
O4 NAG J . 3.81 -20.90 12.39
O5 NAG J . 6.49 -18.48 11.74
O6 NAG J . 3.83 -17.82 10.90
O7 NAG J . 7.99 -18.03 16.13
C14 U5B K . 1.18 -1.89 -8.89
C11 U5B K . -3.93 -3.57 -10.02
C10 U5B K . -2.93 -3.00 -10.76
C12 U5B K . -3.66 -3.98 -8.61
C01 U5B K . -5.48 -3.93 -10.28
C02 U5B K . -5.96 -4.51 -9.06
C03 U5B K . -4.84 -4.51 -8.15
C04 U5B K . -4.86 -4.97 -6.81
C05 U5B K . -3.65 -4.86 -6.09
C06 U5B K . -2.46 -4.31 -6.61
C07 U5B K . -2.53 -3.87 -7.98
C08 U5B K . -1.44 -3.28 -8.70
C09 U5B K . -1.66 -2.85 -10.09
C15 U5B K . 2.48 -1.57 -8.15
O16 U5B K . 2.76 -2.22 -7.10
O17 U5B K . 3.29 -0.66 -8.55
S13 U5B K . 0.15 -3.06 -7.92
#